data_6R1H
#
_entry.id   6R1H
#
_cell.length_a   82.246
_cell.length_b   82.246
_cell.length_c   109.863
_cell.angle_alpha   90.000
_cell.angle_beta   90.000
_cell.angle_gamma   120.000
#
_symmetry.space_group_name_H-M   'P 65'
#
loop_
_entity.id
_entity.type
_entity.pdbx_description
1 polymer 'Leucine-rich repeat receptor-like serine/threonine/tyrosine-protein kinase SOBIR1'
2 branched 2-acetamido-2-deoxy-beta-D-glucopyranose-(1-4)-2-acetamido-2-deoxy-beta-D-glucopyranose
3 non-polymer 'CHLORIDE ION'
4 non-polymer 1,2-ETHANEDIOL
5 non-polymer GLYCEROL
6 water water
#
_entity_poly.entity_id   1
_entity_poly.type   'polypeptide(L)'
_entity_poly.pdbx_seq_one_letter_code
;MAVPTGSANLFLRPLILAVLSFLLLSSFVSSVEWLDIDSSDLKALQVIETELGVNSQRSSASDVNPCGRRGVFCERRHSA
TTGEYVLRVTRLVYRSRSLTGTISPVIGMLSELKELTLSNNQLVNAVPVDILSCKQLEVLDLRKNRFSGQIPGNFSSLSR
LRILDLSSNKLSGNLNFLKNLRNLENLSVANNLFSGKIPEQIVSFHNLRFFDFSGNRYLEGPAPVMSSIKLQTSPHQTRH
ILAETPTSSPTNKPNNSTTSKAPKGAPKPGLELENLYFQGAWSHPQFEKGSHHHHHHHHH
;
_entity_poly.pdbx_strand_id   A,B
#
loop_
_chem_comp.id
_chem_comp.type
_chem_comp.name
_chem_comp.formula
CL non-polymer 'CHLORIDE ION' 'Cl -1'
EDO non-polymer 1,2-ETHANEDIOL 'C2 H6 O2'
GOL non-polymer GLYCEROL 'C3 H8 O3'
NAG D-saccharide, beta linking 2-acetamido-2-deoxy-beta-D-glucopyranose 'C8 H15 N O6'
#
# COMPACT_ATOMS: atom_id res chain seq x y z
N TRP A 34 -7.43 -15.89 -15.53
CA TRP A 34 -7.29 -14.49 -15.93
C TRP A 34 -8.59 -13.72 -15.77
N LEU A 35 -8.56 -12.71 -14.91
CA LEU A 35 -9.71 -11.85 -14.71
C LEU A 35 -9.64 -10.65 -15.65
N ASP A 36 -10.78 -9.99 -15.82
CA ASP A 36 -10.86 -8.75 -16.57
C ASP A 36 -11.12 -7.58 -15.62
N ILE A 37 -10.77 -6.39 -16.09
CA ILE A 37 -11.01 -5.19 -15.29
C ILE A 37 -12.50 -4.87 -15.29
N ASP A 38 -12.98 -4.33 -14.16
CA ASP A 38 -14.37 -3.88 -14.08
C ASP A 38 -14.64 -2.84 -15.16
N SER A 39 -15.77 -3.00 -15.85
CA SER A 39 -16.08 -2.12 -16.97
CA SER A 39 -16.08 -2.12 -16.97
C SER A 39 -16.18 -0.66 -16.53
N SER A 40 -16.80 -0.41 -15.38
CA SER A 40 -16.96 0.96 -14.92
CA SER A 40 -16.96 0.96 -14.91
C SER A 40 -15.62 1.58 -14.55
N ASP A 41 -14.77 0.82 -13.82
CA ASP A 41 -13.45 1.34 -13.47
C ASP A 41 -12.67 1.68 -14.73
N LEU A 42 -12.76 0.84 -15.77
CA LEU A 42 -12.04 1.10 -17.00
C LEU A 42 -12.49 2.41 -17.63
N LYS A 43 -13.80 2.62 -17.72
CA LYS A 43 -14.31 3.85 -18.32
C LYS A 43 -13.89 5.07 -17.52
N ALA A 44 -13.90 4.97 -16.19
CA ALA A 44 -13.47 6.09 -15.36
C ALA A 44 -11.96 6.33 -15.51
N LEU A 45 -11.17 5.26 -15.59
CA LEU A 45 -9.73 5.41 -15.74
C LEU A 45 -9.39 6.21 -16.99
N GLN A 46 -10.11 5.97 -18.09
CA GLN A 46 -9.82 6.69 -19.34
C GLN A 46 -9.90 8.20 -19.14
N VAL A 47 -11.00 8.66 -18.53
CA VAL A 47 -11.21 10.09 -18.34
C VAL A 47 -10.19 10.66 -17.37
N ILE A 48 -9.88 9.91 -16.31
CA ILE A 48 -8.92 10.38 -15.32
C ILE A 48 -7.55 10.55 -15.95
N GLU A 49 -7.09 9.54 -16.69
CA GLU A 49 -5.78 9.64 -17.31
C GLU A 49 -5.73 10.75 -18.34
N THR A 50 -6.79 10.91 -19.12
CA THR A 50 -6.81 11.98 -20.12
C THR A 50 -6.71 13.35 -19.45
N GLU A 51 -7.45 13.56 -18.36
CA GLU A 51 -7.44 14.86 -17.72
C GLU A 51 -6.14 15.12 -16.98
N LEU A 52 -5.47 14.07 -16.48
CA LEU A 52 -4.15 14.26 -15.88
C LEU A 52 -3.11 14.64 -16.91
N GLY A 53 -3.27 14.17 -18.15
CA GLY A 53 -2.24 14.29 -19.16
C GLY A 53 -1.45 13.02 -19.37
N VAL A 54 -1.87 11.90 -18.79
CA VAL A 54 -1.22 10.62 -19.02
C VAL A 54 -1.55 10.17 -20.45
N ASN A 55 -0.55 10.20 -21.33
CA ASN A 55 -0.77 9.91 -22.74
C ASN A 55 -0.69 8.41 -23.01
N SER A 56 -1.04 8.04 -24.23
CA SER A 56 -1.02 6.65 -24.65
C SER A 56 0.38 6.06 -24.54
N VAL A 64 -6.93 -1.60 -22.60
CA VAL A 64 -7.89 -2.69 -22.71
C VAL A 64 -7.96 -3.43 -21.36
N ASN A 65 -6.80 -3.88 -20.88
CA ASN A 65 -6.65 -4.33 -19.49
C ASN A 65 -5.37 -3.68 -18.99
N PRO A 66 -5.46 -2.47 -18.45
CA PRO A 66 -4.25 -1.75 -18.00
C PRO A 66 -3.78 -2.14 -16.61
N CYS A 67 -4.37 -3.14 -15.98
CA CYS A 67 -4.01 -3.49 -14.62
C CYS A 67 -2.58 -4.00 -14.53
N GLY A 68 -1.83 -3.51 -13.56
CA GLY A 68 -0.50 -4.01 -13.30
C GLY A 68 0.60 -3.35 -14.10
N ARG A 69 0.35 -2.21 -14.73
CA ARG A 69 1.38 -1.56 -15.52
C ARG A 69 1.08 -0.07 -15.61
N ARG A 70 2.15 0.70 -15.86
CA ARG A 70 2.05 2.12 -16.17
C ARG A 70 1.20 2.87 -15.13
N GLY A 71 1.45 2.57 -13.86
CA GLY A 71 0.85 3.33 -12.79
C GLY A 71 -0.49 2.86 -12.30
N VAL A 72 -1.03 1.79 -12.87
CA VAL A 72 -2.38 1.31 -12.53
C VAL A 72 -2.25 -0.03 -11.83
N PHE A 73 -2.72 -0.10 -10.60
CA PHE A 73 -2.71 -1.33 -9.81
C PHE A 73 -4.14 -1.73 -9.50
N CYS A 74 -4.42 -3.03 -9.62
CA CYS A 74 -5.76 -3.56 -9.43
C CYS A 74 -5.75 -4.72 -8.46
N GLU A 75 -6.91 -5.00 -7.89
CA GLU A 75 -7.09 -6.10 -6.95
C GLU A 75 -8.34 -6.90 -7.28
N ARG A 76 -8.25 -8.21 -7.05
CA ARG A 76 -9.37 -9.12 -7.30
C ARG A 76 -10.46 -8.91 -6.27
N ARG A 77 -11.70 -8.77 -6.74
CA ARG A 77 -12.83 -8.51 -5.86
C ARG A 77 -14.08 -9.19 -6.41
N HIS A 78 -15.05 -9.38 -5.51
CA HIS A 78 -16.37 -9.83 -5.93
C HIS A 78 -17.11 -8.69 -6.62
N SER A 79 -17.69 -8.98 -7.78
CA SER A 79 -18.40 -7.96 -8.53
C SER A 79 -19.74 -7.62 -7.86
N ALA A 80 -20.17 -6.38 -8.03
CA ALA A 80 -21.48 -5.96 -7.55
C ALA A 80 -22.55 -6.90 -8.07
N THR A 81 -22.64 -7.02 -9.38
CA THR A 81 -23.48 -8.03 -10.02
C THR A 81 -22.73 -9.35 -10.13
N THR A 82 -23.46 -10.41 -10.47
CA THR A 82 -22.87 -11.71 -10.72
C THR A 82 -22.30 -12.33 -9.45
N GLY A 83 -21.34 -11.65 -8.84
CA GLY A 83 -20.56 -12.23 -7.76
C GLY A 83 -19.24 -12.84 -8.20
N GLU A 84 -19.07 -13.06 -9.50
CA GLU A 84 -17.81 -13.56 -10.03
C GLU A 84 -16.70 -12.54 -9.76
N TYR A 85 -15.48 -13.04 -9.69
CA TYR A 85 -14.35 -12.18 -9.35
C TYR A 85 -13.98 -11.27 -10.53
N VAL A 86 -13.66 -10.02 -10.20
CA VAL A 86 -13.30 -9.02 -11.19
C VAL A 86 -12.19 -8.16 -10.59
N LEU A 87 -11.42 -7.53 -11.48
CA LEU A 87 -10.34 -6.64 -11.04
C LEU A 87 -10.86 -5.22 -10.87
N ARG A 88 -10.59 -4.64 -9.71
CA ARG A 88 -10.93 -3.25 -9.42
C ARG A 88 -9.65 -2.43 -9.33
N VAL A 89 -9.71 -1.18 -9.76
CA VAL A 89 -8.57 -0.27 -9.65
C VAL A 89 -8.46 0.19 -8.20
N THR A 90 -7.29 -0.06 -7.59
CA THR A 90 -7.07 0.34 -6.21
C THR A 90 -5.91 1.32 -6.02
N ARG A 91 -5.03 1.48 -7.01
CA ARG A 91 -3.94 2.43 -6.88
C ARG A 91 -3.64 3.08 -8.21
N LEU A 92 -3.50 4.41 -8.18
CA LEU A 92 -3.02 5.21 -9.32
C LEU A 92 -1.75 5.89 -8.87
N VAL A 93 -0.63 5.57 -9.52
CA VAL A 93 0.70 5.98 -9.08
C VAL A 93 1.40 6.58 -10.29
N TYR A 94 1.43 7.92 -10.37
CA TYR A 94 1.94 8.61 -11.54
C TYR A 94 2.97 9.68 -11.13
N ARG A 95 4.03 9.26 -10.45
CA ARG A 95 5.07 10.20 -10.05
C ARG A 95 5.91 10.63 -11.25
N SER A 96 6.32 11.89 -11.25
CA SER A 96 7.44 12.35 -12.07
C SER A 96 7.23 12.07 -13.56
N ARG A 97 6.04 12.43 -14.05
CA ARG A 97 5.71 12.22 -15.46
C ARG A 97 5.43 13.54 -16.18
N SER A 98 5.84 14.66 -15.59
CA SER A 98 5.66 15.98 -16.22
C SER A 98 4.20 16.23 -16.59
N LEU A 99 3.29 15.80 -15.71
CA LEU A 99 1.87 15.98 -15.95
C LEU A 99 1.46 17.42 -15.67
N THR A 100 0.64 17.97 -16.56
CA THR A 100 0.21 19.37 -16.48
C THR A 100 -1.30 19.51 -16.38
N GLY A 101 -2.04 18.43 -16.16
CA GLY A 101 -3.48 18.45 -16.11
C GLY A 101 -4.03 18.69 -14.71
N THR A 102 -5.22 18.12 -14.47
CA THR A 102 -5.91 18.26 -13.20
C THR A 102 -6.44 16.89 -12.78
N ILE A 103 -6.92 16.83 -11.54
CA ILE A 103 -7.62 15.65 -11.04
C ILE A 103 -9.09 15.77 -11.44
N SER A 104 -9.55 14.87 -12.29
CA SER A 104 -10.93 14.90 -12.75
C SER A 104 -11.88 14.54 -11.62
N PRO A 105 -13.08 15.13 -11.60
CA PRO A 105 -14.09 14.70 -10.62
C PRO A 105 -14.45 13.24 -10.75
N VAL A 106 -14.25 12.63 -11.92
CA VAL A 106 -14.53 11.21 -12.11
C VAL A 106 -13.66 10.32 -11.24
N ILE A 107 -12.65 10.89 -10.57
CA ILE A 107 -11.85 10.11 -9.62
C ILE A 107 -12.75 9.43 -8.60
N GLY A 108 -13.86 10.07 -8.24
CA GLY A 108 -14.78 9.52 -7.27
C GLY A 108 -15.49 8.25 -7.70
N MET A 109 -15.46 7.93 -9.00
CA MET A 109 -16.08 6.71 -9.49
C MET A 109 -15.24 5.47 -9.19
N LEU A 110 -13.97 5.64 -8.82
CA LEU A 110 -13.12 4.50 -8.45
C LEU A 110 -13.36 4.21 -6.96
N SER A 111 -14.45 3.51 -6.68
CA SER A 111 -14.91 3.33 -5.30
C SER A 111 -13.91 2.55 -4.46
N GLU A 112 -13.07 1.72 -5.07
CA GLU A 112 -12.13 0.90 -4.34
C GLU A 112 -10.74 1.52 -4.25
N LEU A 113 -10.60 2.78 -4.66
CA LEU A 113 -9.28 3.41 -4.69
C LEU A 113 -8.69 3.52 -3.30
N LYS A 114 -7.48 2.98 -3.13
CA LYS A 114 -6.73 3.12 -1.88
C LYS A 114 -5.59 4.12 -1.97
N GLU A 115 -5.05 4.37 -3.16
CA GLU A 115 -3.88 5.22 -3.29
C GLU A 115 -4.01 6.10 -4.53
N LEU A 116 -3.81 7.39 -4.34
CA LEU A 116 -3.65 8.35 -5.43
C LEU A 116 -2.32 9.06 -5.18
N THR A 117 -1.29 8.71 -5.95
CA THR A 117 0.04 9.28 -5.82
C THR A 117 0.38 10.02 -7.11
N LEU A 118 0.58 11.33 -7.00
CA LEU A 118 0.78 12.21 -8.16
C LEU A 118 1.99 13.11 -7.93
N SER A 119 2.94 12.66 -7.11
CA SER A 119 4.07 13.46 -6.69
C SER A 119 4.91 13.94 -7.87
N ASN A 120 5.42 15.17 -7.75
CA ASN A 120 6.47 15.70 -8.60
C ASN A 120 5.99 15.80 -10.06
N ASN A 121 4.89 16.53 -10.24
CA ASN A 121 4.40 16.85 -11.57
C ASN A 121 4.19 18.37 -11.60
N GLN A 122 3.37 18.83 -12.53
CA GLN A 122 2.99 20.24 -12.63
C GLN A 122 1.48 20.36 -12.68
N LEU A 123 0.80 19.53 -11.90
CA LEU A 123 -0.66 19.54 -11.86
C LEU A 123 -1.17 20.79 -11.17
N VAL A 124 -2.34 21.25 -11.62
CA VAL A 124 -2.84 22.57 -11.22
C VAL A 124 -4.27 22.45 -10.73
N ASN A 125 -4.75 23.56 -10.15
CA ASN A 125 -6.14 23.76 -9.77
C ASN A 125 -6.52 22.93 -8.56
N ALA A 126 -7.81 22.78 -8.30
CA ALA A 126 -8.28 22.35 -6.99
C ALA A 126 -8.35 20.84 -6.89
N VAL A 127 -8.25 20.36 -5.66
CA VAL A 127 -8.53 18.95 -5.34
C VAL A 127 -10.04 18.79 -5.35
N PRO A 128 -10.61 17.98 -6.23
CA PRO A 128 -12.08 17.94 -6.36
C PRO A 128 -12.72 17.29 -5.15
N VAL A 129 -13.88 17.83 -4.77
CA VAL A 129 -14.61 17.29 -3.62
C VAL A 129 -15.09 15.88 -3.89
N ASP A 130 -15.15 15.46 -5.16
CA ASP A 130 -15.59 14.13 -5.50
C ASP A 130 -14.65 13.05 -4.98
N ILE A 131 -13.41 13.41 -4.63
CA ILE A 131 -12.50 12.41 -4.08
C ILE A 131 -13.00 11.88 -2.74
N LEU A 132 -13.94 12.58 -2.10
CA LEU A 132 -14.57 12.07 -0.89
C LEU A 132 -15.42 10.82 -1.14
N SER A 133 -15.73 10.50 -2.40
CA SER A 133 -16.39 9.25 -2.72
C SER A 133 -15.45 8.06 -2.63
N CYS A 134 -14.14 8.30 -2.57
CA CYS A 134 -13.14 7.23 -2.44
C CYS A 134 -12.95 6.91 -0.96
N LYS A 135 -13.98 6.28 -0.39
CA LYS A 135 -14.03 6.10 1.05
C LYS A 135 -12.90 5.24 1.59
N GLN A 136 -12.29 4.42 0.74
CA GLN A 136 -11.22 3.54 1.17
CA GLN A 136 -11.22 3.52 1.15
C GLN A 136 -9.83 4.15 1.03
N LEU A 137 -9.75 5.43 0.65
CA LEU A 137 -8.45 6.04 0.40
C LEU A 137 -7.55 5.99 1.62
N GLU A 138 -6.34 5.45 1.44
CA GLU A 138 -5.33 5.38 2.47
C GLU A 138 -4.14 6.31 2.21
N VAL A 139 -3.85 6.58 0.95
CA VAL A 139 -2.67 7.34 0.54
C VAL A 139 -3.10 8.40 -0.44
N LEU A 140 -2.89 9.66 -0.08
CA LEU A 140 -3.11 10.79 -0.98
C LEU A 140 -1.81 11.59 -0.99
N ASP A 141 -1.06 11.49 -2.08
CA ASP A 141 0.28 12.05 -2.17
C ASP A 141 0.29 12.98 -3.38
N LEU A 142 0.14 14.27 -3.13
CA LEU A 142 0.09 15.29 -4.16
C LEU A 142 1.31 16.20 -4.11
N ARG A 143 2.38 15.77 -3.46
CA ARG A 143 3.51 16.65 -3.17
C ARG A 143 4.14 17.18 -4.46
N LYS A 144 4.60 18.44 -4.39
CA LYS A 144 5.38 19.05 -5.46
C LYS A 144 4.57 19.14 -6.76
N ASN A 145 3.47 19.88 -6.67
CA ASN A 145 2.65 20.22 -7.83
C ASN A 145 2.29 21.69 -7.66
N ARG A 146 1.25 22.13 -8.35
CA ARG A 146 0.73 23.49 -8.23
CA ARG A 146 0.72 23.49 -8.22
C ARG A 146 -0.77 23.46 -7.96
N PHE A 147 -1.20 22.52 -7.12
CA PHE A 147 -2.60 22.48 -6.70
C PHE A 147 -2.90 23.74 -5.89
N SER A 148 -4.12 24.21 -6.03
CA SER A 148 -4.51 25.50 -5.45
C SER A 148 -5.90 25.37 -4.85
N GLY A 149 -6.41 26.48 -4.34
CA GLY A 149 -7.68 26.43 -3.67
C GLY A 149 -7.53 25.91 -2.25
N GLN A 150 -8.63 25.42 -1.72
CA GLN A 150 -8.70 24.98 -0.33
C GLN A 150 -9.12 23.52 -0.26
N ILE A 151 -8.94 22.94 0.92
CA ILE A 151 -9.42 21.60 1.23
C ILE A 151 -10.66 21.74 2.09
N PRO A 152 -11.84 21.34 1.63
CA PRO A 152 -13.04 21.50 2.46
C PRO A 152 -12.95 20.67 3.74
N GLY A 153 -13.67 21.13 4.76
CA GLY A 153 -13.56 20.53 6.08
C GLY A 153 -13.96 19.07 6.14
N ASN A 154 -14.87 18.65 5.25
CA ASN A 154 -15.33 17.28 5.28
C ASN A 154 -14.33 16.30 4.67
N PHE A 155 -13.13 16.76 4.33
CA PHE A 155 -12.04 15.83 4.03
C PHE A 155 -11.81 14.90 5.21
N SER A 156 -12.19 15.32 6.42
CA SER A 156 -12.04 14.48 7.60
CA SER A 156 -12.05 14.48 7.60
C SER A 156 -12.83 13.19 7.49
N SER A 157 -13.74 13.07 6.52
CA SER A 157 -14.50 11.84 6.33
C SER A 157 -13.66 10.71 5.75
N LEU A 158 -12.50 11.01 5.16
CA LEU A 158 -11.61 9.98 4.62
C LEU A 158 -10.88 9.32 5.79
N SER A 159 -11.65 8.56 6.56
CA SER A 159 -11.17 8.07 7.85
C SER A 159 -9.97 7.14 7.72
N ARG A 160 -9.80 6.49 6.58
CA ARG A 160 -8.73 5.51 6.42
C ARG A 160 -7.40 6.13 6.03
N LEU A 161 -7.30 7.46 5.89
CA LEU A 161 -6.07 8.05 5.41
C LEU A 161 -4.92 7.79 6.36
N ARG A 162 -3.84 7.23 5.82
CA ARG A 162 -2.60 7.00 6.55
CA ARG A 162 -2.60 7.00 6.54
C ARG A 162 -1.46 7.89 6.08
N ILE A 163 -1.41 8.21 4.79
CA ILE A 163 -0.37 9.05 4.21
C ILE A 163 -1.08 10.19 3.51
N LEU A 164 -0.82 11.40 3.98
CA LEU A 164 -1.39 12.62 3.37
C LEU A 164 -0.24 13.57 3.16
N ASP A 165 0.20 13.72 1.92
CA ASP A 165 1.32 14.60 1.59
C ASP A 165 0.81 15.63 0.59
N LEU A 166 0.53 16.82 1.11
CA LEU A 166 0.10 17.96 0.30
C LEU A 166 1.21 18.98 0.12
N SER A 167 2.43 18.63 0.47
CA SER A 167 3.51 19.60 0.56
C SER A 167 3.88 20.16 -0.80
N SER A 168 4.39 21.39 -0.79
CA SER A 168 4.90 22.08 -1.98
C SER A 168 3.80 22.20 -3.04
N ASN A 169 2.72 22.87 -2.64
CA ASN A 169 1.65 23.25 -3.55
C ASN A 169 1.29 24.69 -3.24
N LYS A 170 0.10 25.11 -3.67
CA LYS A 170 -0.39 26.47 -3.42
C LYS A 170 -1.75 26.43 -2.75
N LEU A 171 -1.94 25.46 -1.85
CA LEU A 171 -3.17 25.29 -1.11
C LEU A 171 -3.24 26.30 0.03
N SER A 172 -4.46 26.71 0.36
CA SER A 172 -4.69 27.77 1.33
C SER A 172 -5.88 27.39 2.21
N GLY A 173 -6.23 28.30 3.11
CA GLY A 173 -7.30 28.05 4.03
C GLY A 173 -6.79 27.39 5.31
N ASN A 174 -7.73 26.85 6.07
CA ASN A 174 -7.41 26.24 7.35
C ASN A 174 -7.21 24.75 7.19
N LEU A 175 -6.76 24.13 8.29
CA LEU A 175 -6.47 22.70 8.31
C LEU A 175 -7.45 21.95 9.21
N ASN A 176 -8.66 22.48 9.39
CA ASN A 176 -9.63 21.83 10.25
C ASN A 176 -9.95 20.41 9.77
N PHE A 177 -9.78 20.16 8.47
CA PHE A 177 -10.09 18.83 7.94
C PHE A 177 -9.19 17.75 8.52
N LEU A 178 -8.07 18.10 9.14
CA LEU A 178 -7.21 17.11 9.75
C LEU A 178 -7.78 16.54 11.05
N LYS A 179 -8.82 17.17 11.59
CA LYS A 179 -9.27 16.90 12.96
C LYS A 179 -9.48 15.42 13.22
N ASN A 180 -10.16 14.73 12.29
CA ASN A 180 -10.60 13.36 12.54
C ASN A 180 -9.81 12.33 11.74
N LEU A 181 -8.66 12.71 11.19
CA LEU A 181 -7.82 11.78 10.44
C LEU A 181 -6.86 11.06 11.39
N ARG A 182 -7.45 10.29 12.31
CA ARG A 182 -6.73 9.70 13.43
C ARG A 182 -5.78 8.58 13.03
N ASN A 183 -5.88 8.08 11.80
CA ASN A 183 -5.01 6.99 11.37
C ASN A 183 -3.76 7.49 10.64
N LEU A 184 -3.54 8.81 10.58
CA LEU A 184 -2.41 9.34 9.86
C LEU A 184 -1.10 8.88 10.48
N GLU A 185 -0.21 8.38 9.62
CA GLU A 185 1.16 8.04 9.98
C GLU A 185 2.16 9.03 9.42
N ASN A 186 1.85 9.58 8.24
CA ASN A 186 2.72 10.51 7.53
CA ASN A 186 2.72 10.51 7.55
C ASN A 186 1.86 11.68 7.08
N LEU A 187 2.12 12.86 7.61
CA LEU A 187 1.34 14.06 7.30
C LEU A 187 2.29 15.20 6.96
N SER A 188 2.20 15.72 5.74
CA SER A 188 2.93 16.92 5.39
C SER A 188 2.00 17.91 4.71
N VAL A 189 1.97 19.12 5.22
CA VAL A 189 1.33 20.25 4.57
C VAL A 189 2.33 21.37 4.32
N ALA A 190 3.62 21.02 4.30
CA ALA A 190 4.67 22.02 4.24
C ALA A 190 4.63 22.79 2.92
N ASN A 191 5.07 24.04 2.98
CA ASN A 191 5.29 24.85 1.79
C ASN A 191 3.99 25.03 1.01
N ASN A 192 3.00 25.55 1.73
CA ASN A 192 1.73 25.95 1.14
C ASN A 192 1.40 27.33 1.69
N LEU A 193 0.12 27.71 1.60
CA LEU A 193 -0.38 28.98 2.11
C LEU A 193 -1.44 28.76 3.19
N PHE A 194 -1.35 27.66 3.93
CA PHE A 194 -2.31 27.40 4.99
C PHE A 194 -2.15 28.40 6.13
N SER A 195 -3.26 28.69 6.80
CA SER A 195 -3.28 29.66 7.89
C SER A 195 -4.15 29.12 9.03
N GLY A 196 -4.18 29.85 10.12
CA GLY A 196 -4.89 29.41 11.32
C GLY A 196 -3.97 28.61 12.22
N LYS A 197 -4.48 27.53 12.79
CA LYS A 197 -3.65 26.67 13.62
C LYS A 197 -3.95 25.20 13.32
N ILE A 198 -2.97 24.36 13.61
CA ILE A 198 -3.20 22.90 13.51
C ILE A 198 -4.27 22.51 14.51
N PRO A 199 -5.24 21.67 14.13
CA PRO A 199 -6.24 21.24 15.11
C PRO A 199 -5.59 20.61 16.34
N GLU A 200 -6.11 20.96 17.52
CA GLU A 200 -5.61 20.41 18.77
C GLU A 200 -5.64 18.88 18.76
N GLN A 201 -6.55 18.29 17.97
CA GLN A 201 -6.70 16.83 17.97
C GLN A 201 -5.41 16.13 17.56
N ILE A 202 -4.57 16.78 16.75
CA ILE A 202 -3.36 16.13 16.26
C ILE A 202 -2.50 15.61 17.41
N VAL A 203 -2.55 16.28 18.57
CA VAL A 203 -1.77 15.86 19.71
C VAL A 203 -2.14 14.44 20.13
N SER A 204 -3.37 14.02 19.85
CA SER A 204 -3.86 12.72 20.27
C SER A 204 -3.63 11.62 19.25
N PHE A 205 -3.17 11.96 18.05
CA PHE A 205 -2.92 10.94 17.03
C PHE A 205 -1.78 10.03 17.50
N HIS A 206 -2.00 8.73 17.43
CA HIS A 206 -1.08 7.77 18.01
C HIS A 206 -0.14 7.12 17.00
N ASN A 207 -0.44 7.22 15.69
CA ASN A 207 0.39 6.60 14.67
C ASN A 207 1.29 7.59 13.96
N LEU A 208 1.21 8.87 14.29
CA LEU A 208 1.88 9.91 13.54
C LEU A 208 3.39 9.83 13.79
N ARG A 209 4.14 9.52 12.73
CA ARG A 209 5.59 9.39 12.82
C ARG A 209 6.33 10.39 11.94
N PHE A 210 5.67 11.00 10.97
CA PHE A 210 6.25 12.06 10.16
C PHE A 210 5.22 13.17 10.09
N PHE A 211 5.61 14.39 10.51
CA PHE A 211 4.72 15.53 10.54
C PHE A 211 5.52 16.76 10.13
N ASP A 212 5.02 17.48 9.13
CA ASP A 212 5.70 18.68 8.62
C ASP A 212 4.65 19.71 8.26
N PHE A 213 4.66 20.85 8.94
CA PHE A 213 3.85 21.98 8.49
C PHE A 213 4.69 23.25 8.36
N SER A 214 6.00 23.11 8.20
CA SER A 214 6.88 24.23 7.96
C SER A 214 6.57 24.88 6.60
N GLY A 215 7.03 26.12 6.43
CA GLY A 215 6.77 26.82 5.19
C GLY A 215 5.33 27.23 5.00
N ASN A 216 4.60 27.48 6.09
CA ASN A 216 3.28 28.09 6.05
C ASN A 216 3.35 29.28 7.00
N ARG A 217 3.55 30.48 6.43
CA ARG A 217 3.97 31.62 7.24
C ARG A 217 2.95 31.97 8.31
N TYR A 218 1.66 31.86 8.00
CA TYR A 218 0.62 32.29 8.93
C TYR A 218 -0.03 31.12 9.66
N LEU A 219 0.67 29.99 9.77
CA LEU A 219 0.14 28.78 10.38
C LEU A 219 0.83 28.54 11.72
N GLU A 220 0.03 28.25 12.75
CA GLU A 220 0.54 28.00 14.08
C GLU A 220 0.27 26.54 14.48
N GLY A 221 1.02 26.08 15.46
CA GLY A 221 0.97 24.69 15.86
C GLY A 221 -0.24 24.37 16.69
N PRO A 222 -0.41 23.08 16.99
CA PRO A 222 -1.54 22.66 17.83
C PRO A 222 -1.29 23.06 19.28
N ALA A 223 -2.25 23.76 19.86
CA ALA A 223 -2.10 24.29 21.21
C ALA A 223 -3.43 24.21 21.93
N PRO A 224 -3.42 24.04 23.27
CA PRO A 224 -4.68 23.94 24.00
C PRO A 224 -5.18 25.29 24.52
N TRP B 34 8.21 5.73 -21.09
CA TRP B 34 8.40 4.35 -20.67
C TRP B 34 9.86 4.11 -20.28
N LEU B 35 10.10 3.89 -19.00
CA LEU B 35 11.45 3.73 -18.49
C LEU B 35 11.85 2.26 -18.47
N ASP B 36 13.10 2.00 -18.10
CA ASP B 36 13.62 0.65 -17.94
C ASP B 36 13.65 0.26 -16.46
N ILE B 37 13.41 -1.02 -16.21
CA ILE B 37 13.47 -1.56 -14.86
C ILE B 37 14.90 -1.48 -14.35
N ASP B 38 15.04 -1.17 -13.06
CA ASP B 38 16.33 -1.20 -12.39
C ASP B 38 17.00 -2.55 -12.63
N SER B 39 18.24 -2.51 -13.14
CA SER B 39 18.91 -3.74 -13.54
C SER B 39 19.09 -4.69 -12.36
N SER B 40 19.24 -4.17 -11.15
CA SER B 40 19.37 -5.05 -9.98
C SER B 40 18.04 -5.70 -9.64
N ASP B 41 16.94 -4.94 -9.71
CA ASP B 41 15.62 -5.53 -9.51
C ASP B 41 15.34 -6.59 -10.56
N LEU B 42 15.77 -6.35 -11.81
CA LEU B 42 15.56 -7.33 -12.88
C LEU B 42 16.30 -8.62 -12.59
N LYS B 43 17.58 -8.51 -12.21
CA LYS B 43 18.36 -9.70 -11.88
C LYS B 43 17.68 -10.52 -10.81
N ALA B 44 17.18 -9.86 -9.76
CA ALA B 44 16.52 -10.58 -8.67
C ALA B 44 15.18 -11.15 -9.11
N LEU B 45 14.40 -10.37 -9.86
CA LEU B 45 13.05 -10.81 -10.24
C LEU B 45 13.09 -12.07 -11.07
N GLN B 46 14.04 -12.16 -12.02
CA GLN B 46 14.12 -13.34 -12.87
C GLN B 46 14.38 -14.59 -12.05
N VAL B 47 15.27 -14.49 -11.05
CA VAL B 47 15.54 -15.64 -10.18
C VAL B 47 14.31 -15.96 -9.33
N ILE B 48 13.65 -14.92 -8.81
CA ILE B 48 12.46 -15.15 -7.98
C ILE B 48 11.40 -15.90 -8.76
N GLU B 49 11.11 -15.45 -9.99
CA GLU B 49 10.07 -16.10 -10.77
C GLU B 49 10.46 -17.53 -11.14
N THR B 50 11.71 -17.73 -11.55
CA THR B 50 12.18 -19.07 -11.86
C THR B 50 11.96 -20.01 -10.68
N GLU B 51 12.35 -19.57 -9.48
CA GLU B 51 12.37 -20.48 -8.34
C GLU B 51 10.99 -20.68 -7.73
N LEU B 52 10.05 -19.75 -8.00
CA LEU B 52 8.66 -19.97 -7.64
C LEU B 52 8.01 -21.03 -8.52
N GLY B 53 8.43 -21.12 -9.79
CA GLY B 53 7.75 -21.93 -10.76
C GLY B 53 7.02 -21.16 -11.83
N VAL B 54 7.19 -19.84 -11.89
CA VAL B 54 6.57 -19.04 -12.95
C VAL B 54 7.25 -19.35 -14.28
N ASN B 55 6.45 -19.53 -15.32
CA ASN B 55 6.98 -19.81 -16.65
C ASN B 55 7.16 -18.52 -17.44
N ASN B 65 10.11 -6.13 -20.87
CA ASN B 65 9.36 -5.23 -20.00
C ASN B 65 8.62 -6.02 -18.92
N PRO B 66 9.37 -6.52 -17.93
CA PRO B 66 8.72 -7.29 -16.87
C PRO B 66 7.68 -6.49 -16.10
N CYS B 67 7.92 -5.19 -15.91
CA CYS B 67 6.94 -4.37 -15.19
C CYS B 67 5.60 -4.36 -15.91
N GLY B 68 5.62 -4.55 -17.23
CA GLY B 68 4.39 -4.53 -18.01
C GLY B 68 3.47 -5.70 -17.75
N ARG B 69 3.99 -6.76 -17.10
CA ARG B 69 3.18 -7.92 -16.82
C ARG B 69 2.25 -7.65 -15.63
N ARG B 70 1.13 -8.37 -15.61
CA ARG B 70 0.07 -8.06 -14.64
C ARG B 70 0.52 -8.33 -13.21
N GLY B 71 1.35 -9.35 -12.99
CA GLY B 71 1.76 -9.69 -11.64
C GLY B 71 2.88 -8.86 -11.08
N VAL B 72 3.52 -8.04 -11.89
CA VAL B 72 4.65 -7.21 -11.46
C VAL B 72 4.25 -5.75 -11.56
N PHE B 73 4.28 -5.06 -10.44
CA PHE B 73 3.96 -3.63 -10.40
C PHE B 73 5.20 -2.85 -10.03
N CYS B 74 5.52 -1.84 -10.84
CA CYS B 74 6.71 -1.02 -10.65
C CYS B 74 6.32 0.43 -10.48
N GLU B 75 7.23 1.18 -9.89
CA GLU B 75 7.03 2.61 -9.64
C GLU B 75 8.32 3.36 -9.99
N ARG B 76 8.16 4.61 -10.42
CA ARG B 76 9.29 5.44 -10.81
C ARG B 76 10.03 5.95 -9.58
N ARG B 77 11.35 5.85 -9.60
CA ARG B 77 12.18 6.31 -8.50
C ARG B 77 13.45 6.94 -9.06
N HIS B 78 13.99 7.89 -8.29
CA HIS B 78 15.24 8.56 -8.63
C HIS B 78 16.41 7.67 -8.25
N SER B 79 17.28 7.37 -9.22
CA SER B 79 18.43 6.53 -8.97
C SER B 79 19.47 7.28 -8.14
N ALA B 80 19.86 6.69 -7.00
CA ALA B 80 20.86 7.32 -6.16
C ALA B 80 22.21 7.39 -6.86
N THR B 81 22.53 6.37 -7.66
CA THR B 81 23.84 6.31 -8.30
C THR B 81 23.92 7.28 -9.49
N THR B 82 22.93 7.24 -10.39
CA THR B 82 23.03 7.93 -11.66
C THR B 82 22.19 9.20 -11.74
N GLY B 83 21.27 9.41 -10.82
CA GLY B 83 20.36 10.54 -10.92
C GLY B 83 19.27 10.38 -11.96
N GLU B 84 19.26 9.27 -12.69
CA GLU B 84 18.22 9.02 -13.68
C GLU B 84 17.03 8.33 -13.03
N TYR B 85 15.84 8.57 -13.58
CA TYR B 85 14.65 7.89 -13.12
C TYR B 85 14.64 6.46 -13.64
N VAL B 86 14.31 5.52 -12.77
CA VAL B 86 14.24 4.10 -13.11
C VAL B 86 12.98 3.52 -12.48
N LEU B 87 12.58 2.36 -13.00
CA LEU B 87 11.42 1.66 -12.47
C LEU B 87 11.88 0.64 -11.42
N ARG B 88 11.23 0.65 -10.26
CA ARG B 88 11.53 -0.26 -9.17
C ARG B 88 10.34 -1.17 -8.92
N VAL B 89 10.61 -2.45 -8.63
CA VAL B 89 9.54 -3.38 -8.30
C VAL B 89 9.02 -3.08 -6.91
N THR B 90 7.71 -2.83 -6.81
CA THR B 90 7.09 -2.58 -5.51
C THR B 90 5.99 -3.55 -5.11
N ARG B 91 5.34 -4.24 -6.05
CA ARG B 91 4.33 -5.22 -5.67
C ARG B 91 4.42 -6.43 -6.60
N LEU B 92 4.42 -7.61 -6.00
CA LEU B 92 4.42 -8.87 -6.72
C LEU B 92 3.18 -9.65 -6.31
N VAL B 93 2.38 -10.06 -7.29
CA VAL B 93 1.12 -10.75 -7.05
C VAL B 93 1.05 -11.94 -8.00
N TYR B 94 1.14 -13.16 -7.42
CA TYR B 94 1.03 -14.40 -8.20
C TYR B 94 0.02 -15.31 -7.49
N ARG B 95 -1.25 -14.94 -7.54
CA ARG B 95 -2.30 -15.73 -6.90
C ARG B 95 -2.80 -16.82 -7.82
N SER B 96 -2.99 -18.02 -7.25
CA SER B 96 -3.65 -19.12 -7.93
C SER B 96 -3.01 -19.42 -9.28
N ARG B 97 -1.69 -19.63 -9.26
CA ARG B 97 -0.91 -19.91 -10.46
CA ARG B 97 -0.93 -19.93 -10.46
C ARG B 97 -0.28 -21.30 -10.43
N SER B 98 -0.74 -22.18 -9.53
CA SER B 98 -0.23 -23.54 -9.44
C SER B 98 1.28 -23.58 -9.28
N LEU B 99 1.80 -22.64 -8.50
CA LEU B 99 3.24 -22.57 -8.26
C LEU B 99 3.65 -23.59 -7.20
N THR B 100 4.70 -24.36 -7.49
CA THR B 100 5.13 -25.42 -6.59
C THR B 100 6.56 -25.24 -6.11
N GLY B 101 7.16 -24.07 -6.30
CA GLY B 101 8.53 -23.84 -5.91
C GLY B 101 8.70 -23.23 -4.53
N THR B 102 9.65 -22.31 -4.40
CA THR B 102 10.01 -21.72 -3.13
C THR B 102 10.25 -20.23 -3.32
N ILE B 103 10.33 -19.50 -2.22
CA ILE B 103 10.70 -18.08 -2.24
C ILE B 103 12.23 -18.00 -2.18
N SER B 104 12.84 -17.46 -3.24
CA SER B 104 14.28 -17.33 -3.31
C SER B 104 14.78 -16.34 -2.25
N PRO B 105 15.97 -16.60 -1.69
CA PRO B 105 16.57 -15.61 -0.79
C PRO B 105 16.79 -14.25 -1.44
N VAL B 106 16.89 -14.18 -2.77
CA VAL B 106 17.16 -12.90 -3.43
C VAL B 106 15.93 -11.99 -3.39
N ILE B 107 14.83 -12.45 -2.80
CA ILE B 107 13.68 -11.57 -2.58
C ILE B 107 14.11 -10.33 -1.82
N GLY B 108 15.09 -10.47 -0.93
CA GLY B 108 15.61 -9.36 -0.16
C GLY B 108 16.32 -8.30 -0.97
N MET B 109 16.65 -8.59 -2.23
CA MET B 109 17.25 -7.59 -3.10
C MET B 109 16.25 -6.56 -3.60
N LEU B 110 14.95 -6.85 -3.51
CA LEU B 110 13.93 -5.90 -3.98
C LEU B 110 13.65 -4.90 -2.86
N SER B 111 14.54 -3.92 -2.75
CA SER B 111 14.52 -3.02 -1.60
C SER B 111 13.25 -2.19 -1.52
N GLU B 112 12.57 -1.99 -2.65
CA GLU B 112 11.37 -1.16 -2.68
C GLU B 112 10.08 -1.98 -2.58
N LEU B 113 10.17 -3.27 -2.28
CA LEU B 113 9.01 -4.13 -2.29
C LEU B 113 8.05 -3.76 -1.16
N LYS B 114 6.80 -3.49 -1.51
CA LYS B 114 5.75 -3.25 -0.52
C LYS B 114 4.77 -4.40 -0.39
N GLU B 115 4.68 -5.28 -1.39
CA GLU B 115 3.69 -6.35 -1.35
C GLU B 115 4.24 -7.60 -2.01
N LEU B 116 4.08 -8.73 -1.32
CA LEU B 116 4.34 -10.06 -1.87
C LEU B 116 3.08 -10.88 -1.61
N THR B 117 2.31 -11.14 -2.64
CA THR B 117 1.08 -11.93 -2.53
C THR B 117 1.25 -13.20 -3.36
N LEU B 118 1.20 -14.36 -2.68
CA LEU B 118 1.42 -15.67 -3.30
C LEU B 118 0.32 -16.64 -2.92
N SER B 119 -0.88 -16.13 -2.69
CA SER B 119 -1.95 -16.94 -2.12
CA SER B 119 -1.96 -16.93 -2.12
C SER B 119 -2.39 -18.03 -3.08
N ASN B 120 -2.80 -19.16 -2.49
CA ASN B 120 -3.40 -20.28 -3.20
C ASN B 120 -2.47 -20.86 -4.27
N ASN B 121 -1.28 -21.24 -3.83
CA ASN B 121 -0.36 -22.02 -4.66
C ASN B 121 0.00 -23.26 -3.86
N GLN B 122 1.11 -23.90 -4.22
CA GLN B 122 1.61 -25.08 -3.52
C GLN B 122 3.09 -24.91 -3.19
N LEU B 123 3.46 -23.70 -2.76
CA LEU B 123 4.84 -23.39 -2.45
C LEU B 123 5.26 -24.05 -1.14
N VAL B 124 6.55 -24.37 -1.04
CA VAL B 124 7.06 -25.19 0.05
C VAL B 124 8.27 -24.52 0.69
N ASN B 125 8.77 -25.17 1.74
CA ASN B 125 9.97 -24.77 2.47
C ASN B 125 9.72 -23.49 3.25
N ALA B 126 10.76 -22.90 3.80
CA ALA B 126 10.59 -21.82 4.76
C ALA B 126 10.54 -20.46 4.09
N VAL B 127 10.00 -19.50 4.82
CA VAL B 127 10.11 -18.09 4.45
C VAL B 127 11.57 -17.70 4.66
N PRO B 128 12.29 -17.26 3.62
CA PRO B 128 13.72 -16.99 3.80
C PRO B 128 13.96 -15.76 4.66
N VAL B 129 15.00 -15.83 5.50
CA VAL B 129 15.33 -14.75 6.41
C VAL B 129 15.69 -13.49 5.65
N ASP B 130 16.13 -13.61 4.40
CA ASP B 130 16.51 -12.44 3.62
CA ASP B 130 16.52 -12.45 3.61
C ASP B 130 15.35 -11.52 3.31
N ILE B 131 14.11 -11.97 3.50
CA ILE B 131 12.97 -11.09 3.26
C ILE B 131 12.95 -9.93 4.25
N LEU B 132 13.70 -10.05 5.36
CA LEU B 132 13.81 -8.93 6.29
C LEU B 132 14.47 -7.71 5.67
N SER B 133 15.20 -7.89 4.56
CA SER B 133 15.79 -6.78 3.85
C SER B 133 14.76 -5.94 3.11
N CYS B 134 13.53 -6.43 2.97
CA CYS B 134 12.43 -5.67 2.35
C CYS B 134 11.79 -4.80 3.42
N LYS B 135 12.51 -3.74 3.79
CA LYS B 135 12.14 -2.93 4.94
C LYS B 135 10.77 -2.27 4.75
N GLN B 136 10.36 -2.05 3.52
CA GLN B 136 9.11 -1.35 3.22
C GLN B 136 7.91 -2.29 3.10
N LEU B 137 8.09 -3.58 3.37
CA LEU B 137 7.02 -4.55 3.13
C LEU B 137 5.80 -4.24 3.98
N GLU B 138 4.65 -4.08 3.33
CA GLU B 138 3.39 -3.82 3.99
C GLU B 138 2.41 -4.97 3.90
N VAL B 139 2.54 -5.80 2.86
CA VAL B 139 1.59 -6.87 2.59
C VAL B 139 2.39 -8.14 2.34
N LEU B 140 2.19 -9.15 3.18
CA LEU B 140 2.76 -10.48 2.97
C LEU B 140 1.63 -11.47 3.05
N ASP B 141 1.23 -12.02 1.91
CA ASP B 141 0.05 -12.88 1.82
C ASP B 141 0.51 -14.21 1.23
N LEU B 142 0.72 -15.18 2.12
CA LEU B 142 1.16 -16.52 1.74
C LEU B 142 0.07 -17.55 1.97
N ARG B 143 -1.18 -17.09 2.05
CA ARG B 143 -2.30 -17.94 2.40
CA ARG B 143 -2.30 -17.94 2.40
C ARG B 143 -2.40 -19.15 1.48
N LYS B 144 -2.72 -20.30 2.07
CA LYS B 144 -3.05 -21.52 1.34
C LYS B 144 -1.87 -21.97 0.46
N ASN B 145 -0.78 -22.32 1.14
CA ASN B 145 0.37 -22.92 0.50
C ASN B 145 0.83 -24.09 1.36
N ARG B 146 2.08 -24.52 1.17
CA ARG B 146 2.66 -25.60 1.97
C ARG B 146 3.95 -25.14 2.65
N PHE B 147 4.04 -23.85 2.97
CA PHE B 147 5.23 -23.35 3.66
C PHE B 147 5.38 -24.05 5.01
N SER B 148 6.63 -24.28 5.40
CA SER B 148 6.90 -25.02 6.62
C SER B 148 8.09 -24.40 7.33
N GLY B 149 8.51 -25.03 8.43
CA GLY B 149 9.55 -24.48 9.25
C GLY B 149 9.04 -23.32 10.09
N GLN B 150 9.98 -22.70 10.79
CA GLN B 150 9.65 -21.58 11.66
C GLN B 150 9.80 -20.26 10.92
N ILE B 151 9.07 -19.26 11.38
CA ILE B 151 9.28 -17.89 10.89
C ILE B 151 10.57 -17.35 11.52
N PRO B 152 11.46 -16.73 10.74
CA PRO B 152 12.66 -16.13 11.36
C PRO B 152 12.28 -15.25 12.55
N GLY B 153 13.05 -15.39 13.64
CA GLY B 153 12.72 -14.64 14.85
C GLY B 153 12.76 -13.14 14.64
N ASN B 154 13.74 -12.65 13.88
CA ASN B 154 13.85 -11.23 13.58
C ASN B 154 12.84 -10.77 12.52
N PHE B 155 11.92 -11.65 12.12
CA PHE B 155 10.81 -11.24 11.27
C PHE B 155 10.05 -10.07 11.90
N SER B 156 10.12 -9.95 13.22
CA SER B 156 9.52 -8.83 13.93
C SER B 156 10.02 -7.49 13.42
N SER B 157 11.16 -7.46 12.72
CA SER B 157 11.69 -6.20 12.22
C SER B 157 10.90 -5.65 11.04
N LEU B 158 10.04 -6.44 10.41
CA LEU B 158 9.21 -5.95 9.30
C LEU B 158 8.03 -5.15 9.85
N SER B 159 8.36 -4.04 10.52
CA SER B 159 7.41 -3.29 11.31
C SER B 159 6.40 -2.51 10.47
N ARG B 160 6.62 -2.38 9.17
CA ARG B 160 5.64 -1.73 8.30
CA ARG B 160 5.63 -1.72 8.30
C ARG B 160 4.51 -2.65 7.90
N LEU B 161 4.56 -3.93 8.27
CA LEU B 161 3.55 -4.88 7.87
C LEU B 161 2.18 -4.47 8.37
N ARG B 162 1.22 -4.39 7.44
CA ARG B 162 -0.18 -4.11 7.75
CA ARG B 162 -0.16 -4.11 7.75
C ARG B 162 -1.09 -5.29 7.45
N ILE B 163 -0.79 -6.08 6.43
CA ILE B 163 -1.56 -7.27 6.08
C ILE B 163 -0.59 -8.44 6.13
N LEU B 164 -0.83 -9.37 7.05
CA LEU B 164 0.01 -10.56 7.18
C LEU B 164 -0.92 -11.76 7.22
N ASP B 165 -0.90 -12.56 6.15
CA ASP B 165 -1.76 -13.73 6.06
C ASP B 165 -0.85 -14.94 5.81
N LEU B 166 -0.61 -15.70 6.87
CA LEU B 166 0.17 -16.92 6.80
C LEU B 166 -0.71 -18.15 6.93
N SER B 167 -2.02 -18.01 6.79
CA SER B 167 -2.95 -19.06 7.14
C SER B 167 -2.89 -20.22 6.16
N SER B 168 -3.25 -21.41 6.65
CA SER B 168 -3.33 -22.63 5.84
C SER B 168 -1.96 -22.97 5.24
N ASN B 169 -0.98 -23.12 6.13
CA ASN B 169 0.34 -23.60 5.76
C ASN B 169 0.71 -24.65 6.81
N LYS B 170 2.00 -24.99 6.89
CA LYS B 170 2.50 -25.92 7.88
C LYS B 170 3.62 -25.28 8.72
N LEU B 171 3.44 -23.99 9.02
CA LEU B 171 4.44 -23.24 9.77
C LEU B 171 4.42 -23.63 11.24
N SER B 172 5.61 -23.69 11.84
CA SER B 172 5.75 -24.11 13.23
C SER B 172 6.57 -23.09 14.02
N GLY B 173 6.89 -23.40 15.27
CA GLY B 173 7.53 -22.44 16.13
C GLY B 173 6.51 -21.58 16.83
N ASN B 174 7.01 -20.52 17.49
CA ASN B 174 6.14 -19.63 18.24
C ASN B 174 5.83 -18.37 17.43
N LEU B 175 4.95 -17.55 18.00
CA LEU B 175 4.48 -16.35 17.34
C LEU B 175 5.12 -15.08 17.91
N ASN B 176 6.26 -15.21 18.59
CA ASN B 176 6.86 -14.04 19.23
C ASN B 176 7.24 -12.97 18.22
N PHE B 177 7.44 -13.33 16.95
CA PHE B 177 7.76 -12.34 15.93
C PHE B 177 6.65 -11.32 15.74
N LEU B 178 5.43 -11.63 16.20
CA LEU B 178 4.33 -10.70 16.05
C LEU B 178 4.39 -9.53 17.02
N LYS B 179 5.21 -9.62 18.07
CA LYS B 179 5.16 -8.64 19.16
C LYS B 179 5.40 -7.22 18.66
N ASN B 180 6.28 -7.06 17.67
CA ASN B 180 6.70 -5.75 17.22
C ASN B 180 5.93 -5.27 15.98
N LEU B 181 5.01 -6.08 15.47
CA LEU B 181 4.28 -5.73 14.24
C LEU B 181 3.05 -4.88 14.59
N ARG B 182 3.35 -3.70 15.15
CA ARG B 182 2.32 -2.87 15.76
C ARG B 182 1.41 -2.19 14.75
N ASN B 183 1.73 -2.23 13.47
CA ASN B 183 0.92 -1.59 12.44
C ASN B 183 -0.03 -2.56 11.75
N LEU B 184 -0.09 -3.81 12.23
CA LEU B 184 -0.97 -4.79 11.62
C LEU B 184 -2.43 -4.33 11.66
N GLU B 185 -3.10 -4.49 10.53
CA GLU B 185 -4.53 -4.24 10.39
C GLU B 185 -5.30 -5.53 10.16
N ASN B 186 -4.69 -6.48 9.47
CA ASN B 186 -5.31 -7.75 9.12
C ASN B 186 -4.26 -8.83 9.35
N LEU B 187 -4.53 -9.72 10.30
CA LEU B 187 -3.57 -10.76 10.68
C LEU B 187 -4.24 -12.13 10.70
N SER B 188 -3.66 -13.10 10.01
CA SER B 188 -4.12 -14.47 10.16
C SER B 188 -2.91 -15.39 10.17
N VAL B 189 -2.83 -16.21 11.21
CA VAL B 189 -1.92 -17.33 11.26
C VAL B 189 -2.70 -18.64 11.39
N ALA B 190 -3.97 -18.63 11.02
CA ALA B 190 -4.84 -19.76 11.26
C ALA B 190 -4.39 -21.00 10.49
N ASN B 191 -4.71 -22.16 11.04
CA ASN B 191 -4.50 -23.46 10.38
C ASN B 191 -3.02 -23.68 10.05
N ASN B 192 -2.21 -23.65 11.10
CA ASN B 192 -0.78 -23.91 10.98
C ASN B 192 -0.41 -24.85 12.13
N LEU B 193 0.89 -24.95 12.41
CA LEU B 193 1.40 -25.79 13.49
C LEU B 193 2.11 -24.95 14.54
N PHE B 194 1.66 -23.70 14.73
CA PHE B 194 2.30 -22.83 15.69
C PHE B 194 2.04 -23.30 17.12
N SER B 195 3.03 -23.04 17.98
CA SER B 195 2.93 -23.41 19.39
C SER B 195 3.35 -22.22 20.25
N GLY B 196 3.53 -22.44 21.55
CA GLY B 196 3.84 -21.35 22.45
C GLY B 196 2.58 -20.61 22.87
N LYS B 197 2.78 -19.34 23.24
CA LYS B 197 1.70 -18.49 23.72
C LYS B 197 1.44 -17.37 22.73
N ILE B 198 0.18 -16.97 22.63
CA ILE B 198 -0.17 -15.80 21.81
C ILE B 198 0.35 -14.55 22.50
N PRO B 199 1.08 -13.67 21.80
CA PRO B 199 1.50 -12.41 22.43
C PRO B 199 0.30 -11.60 22.91
N GLU B 200 0.30 -11.26 24.20
CA GLU B 200 -0.80 -10.50 24.78
C GLU B 200 -0.95 -9.12 24.15
N GLN B 201 0.14 -8.57 23.59
CA GLN B 201 0.10 -7.20 23.11
C GLN B 201 -0.69 -7.05 21.81
N ILE B 202 -0.93 -8.14 21.08
CA ILE B 202 -1.49 -8.03 19.74
C ILE B 202 -2.90 -7.44 19.78
N VAL B 203 -3.72 -7.85 20.74
CA VAL B 203 -5.10 -7.40 20.79
C VAL B 203 -5.17 -5.89 20.88
N SER B 204 -4.15 -5.25 21.45
CA SER B 204 -4.16 -3.80 21.68
C SER B 204 -3.54 -3.01 20.54
N PHE B 205 -3.05 -3.66 19.49
CA PHE B 205 -2.52 -2.95 18.35
C PHE B 205 -3.58 -1.99 17.81
N HIS B 206 -3.17 -0.75 17.55
CA HIS B 206 -4.14 0.34 17.41
C HIS B 206 -5.02 0.20 16.17
N ASN B 207 -4.51 -0.41 15.09
CA ASN B 207 -5.24 -0.51 13.83
CA ASN B 207 -5.26 -0.50 13.85
C ASN B 207 -5.68 -1.93 13.50
N LEU B 208 -5.51 -2.87 14.42
CA LEU B 208 -5.85 -4.27 14.16
C LEU B 208 -7.35 -4.46 14.20
N ARG B 209 -7.95 -4.73 13.04
CA ARG B 209 -9.39 -4.92 12.94
C ARG B 209 -9.79 -6.35 12.64
N PHE B 210 -8.82 -7.23 12.36
CA PHE B 210 -9.08 -8.64 12.11
C PHE B 210 -7.89 -9.45 12.57
N PHE B 211 -8.11 -10.43 13.44
CA PHE B 211 -7.06 -11.40 13.72
C PHE B 211 -7.66 -12.80 13.83
N ASP B 212 -6.86 -13.79 13.44
CA ASP B 212 -7.30 -15.18 13.42
C ASP B 212 -6.12 -16.06 13.85
N PHE B 213 -6.23 -16.65 15.03
CA PHE B 213 -5.28 -17.63 15.54
C PHE B 213 -5.85 -19.04 15.54
N SER B 214 -7.03 -19.24 14.98
CA SER B 214 -7.71 -20.52 15.08
CA SER B 214 -7.73 -20.52 15.06
C SER B 214 -6.97 -21.60 14.30
N GLY B 215 -7.23 -22.85 14.66
CA GLY B 215 -6.64 -23.97 13.95
C GLY B 215 -5.17 -24.22 14.21
N ASN B 216 -4.66 -23.78 15.36
CA ASN B 216 -3.30 -24.10 15.79
C ASN B 216 -3.42 -24.93 17.07
N ARG B 217 -3.30 -26.25 16.93
CA ARG B 217 -3.73 -27.15 17.98
C ARG B 217 -2.91 -27.01 19.26
N TYR B 218 -1.66 -26.58 19.15
CA TYR B 218 -0.79 -26.47 20.33
C TYR B 218 -0.44 -25.04 20.68
N LEU B 219 -1.24 -24.08 20.25
CA LEU B 219 -1.03 -22.67 20.55
C LEU B 219 -1.77 -22.31 21.83
N GLU B 220 -1.04 -21.81 22.82
CA GLU B 220 -1.62 -21.48 24.12
C GLU B 220 -2.07 -20.02 24.16
N GLY B 221 -2.89 -19.70 25.16
CA GLY B 221 -3.44 -18.36 25.30
C GLY B 221 -2.42 -17.38 25.81
N PRO B 222 -2.78 -16.10 25.78
CA PRO B 222 -1.84 -15.04 26.16
C PRO B 222 -1.62 -14.97 27.67
N ALA B 223 -0.52 -14.33 28.04
CA ALA B 223 -0.16 -14.12 29.44
C ALA B 223 -0.20 -15.43 30.22
C1 NAG C . -17.92 18.59 1.32
C2 NAG C . -19.06 18.17 0.42
C3 NAG C . -19.01 18.95 -0.89
C4 NAG C . -18.91 20.45 -0.64
C5 NAG C . -17.81 20.76 0.36
C6 NAG C . -17.79 22.21 0.79
C7 NAG C . -19.54 15.83 1.02
C8 NAG C . -19.42 14.39 0.58
N2 NAG C . -19.04 16.74 0.17
O3 NAG C . -20.19 18.66 -1.65
O4 NAG C . -18.57 21.11 -1.85
O5 NAG C . -17.98 19.98 1.56
O6 NAG C . -18.99 22.57 1.46
O7 NAG C . -20.05 16.16 2.08
C1 NAG C . -19.73 21.46 -2.62
C2 NAG C . -19.35 22.66 -3.49
C3 NAG C . -20.50 23.03 -4.42
C4 NAG C . -20.96 21.81 -5.21
C5 NAG C . -21.30 20.68 -4.25
C6 NAG C . -21.68 19.39 -4.96
C7 NAG C . -17.72 24.25 -2.56
C8 NAG C . -17.52 25.43 -1.66
N2 NAG C . -18.97 23.80 -2.67
O3 NAG C . -20.06 24.05 -5.32
O4 NAG C . -22.11 22.14 -5.99
O5 NAG C . -20.15 20.38 -3.44
O6 NAG C . -22.01 18.38 -4.03
O7 NAG C . -16.78 23.73 -3.17
CL CL D . 5.55 6.22 -9.79
C1 EDO E . 18.08 -3.65 0.40
O1 EDO E . 17.30 -4.75 -0.09
C2 EDO E . 17.28 -2.87 1.44
O2 EDO E . 17.39 -3.50 2.72
H11 EDO E . 18.37 -3.00 -0.42
H12 EDO E . 19.00 -4.04 0.86
HO1 EDO E . 17.81 -5.23 -0.76
H21 EDO E . 16.23 -2.82 1.14
H22 EDO E . 17.65 -1.84 1.49
HO2 EDO E . 16.90 -2.99 3.38
C1 EDO F . 11.60 9.59 -6.54
O1 EDO F . 10.38 8.93 -6.20
C2 EDO F . 12.65 9.29 -5.48
O2 EDO F . 12.91 7.88 -5.41
H11 EDO F . 11.45 10.66 -6.61
H12 EDO F . 11.96 9.24 -7.51
HO1 EDO F . 9.72 9.12 -6.90
H21 EDO F . 12.31 9.65 -4.51
H22 EDO F . 13.58 9.81 -5.71
HO2 EDO F . 13.55 7.70 -4.71
C1 GOL G . 18.47 -2.88 -3.98
O1 GOL G . 19.12 -3.43 -2.86
C2 GOL G . 19.32 -1.69 -4.46
O2 GOL G . 19.05 -1.36 -5.78
C3 GOL G . 18.99 -0.54 -3.49
O3 GOL G . 17.99 0.25 -4.09
H11 GOL G . 17.57 -2.57 -3.78
H12 GOL G . 18.38 -3.52 -4.70
HO1 GOL G . 18.82 -4.22 -2.78
H2 GOL G . 20.27 -1.91 -4.42
HO2 GOL G . 18.21 -1.47 -5.91
H31 GOL G . 19.80 -0.04 -3.30
H32 GOL G . 18.72 -0.91 -2.63
HO3 GOL G . 17.85 0.91 -3.57
#